data_8DVL
#
_entry.id   8DVL
#
_cell.length_a   57.911
_cell.length_b   73.835
_cell.length_c   87.193
_cell.angle_alpha   90.000
_cell.angle_beta   96.580
_cell.angle_gamma   90.000
#
_symmetry.space_group_name_H-M   'P 1 21 1'
#
loop_
_entity.id
_entity.type
_entity.pdbx_description
1 polymer 'Low-density lipoprotein receptor-related protein 6'
2 polymer 'E3.18 Disulfide constrained peptide'
3 branched alpha-L-fucopyranose-(1-3)-[2-acetamido-2-deoxy-beta-D-glucopyranose-(1-4)]2-acetamido-2-deoxy-beta-D-glucopyranose
4 branched 2-acetamido-2-deoxy-beta-D-glucopyranose-(1-4)-[alpha-L-fucopyranose-(1-6)]2-acetamido-2-deoxy-beta-D-glucopyranose
5 branched alpha-D-mannopyranose-(1-3)-alpha-D-mannopyranose-(1-6)-[alpha-D-mannopyranose-(1-3)]beta-D-mannopyranose-(1-4)-2-acetamido-2-deoxy-beta-D-glucopyranose-(1-4)-2-acetamido-2-deoxy-beta-D-glucopyranose
6 non-polymer 2-acetamido-2-deoxy-beta-D-glucopyranose
7 non-polymer 'CALCIUM ION'
8 non-polymer 1,2-ETHANEDIOL
9 water water
#
loop_
_entity_poly.entity_id
_entity_poly.type
_entity_poly.pdbx_seq_one_letter_code
_entity_poly.pdbx_strand_id
1 'polypeptide(L)'
;SEAFLLFSRRADIRRISLETNNNNVAIPLTGVKEASALDFDVTDNRIYWTDISLKTISRAFMNGSALEHVVEFGLDYPEG
MAVDWLGKNLYWADTGTNRIEVSKLDGQHRQVLVWKDLDSPRALALDPAEGFMYWTEWGGKPKIDRAAMDGSERTTLVPN
VGRANGLTIDYAKRRLYWTDLDTNLIESSNMLGLNREVIADDLPHPFGLTQYQDYIYWTDWSRRSIERANKTSGQNRTII
QGHLDYVMDILVFHSSRQSGWNECASSNGHCSHLCLAVPVGGFVCGCPAHYSLNADNRTCSAPTTFLLFSQKSAINRMVI
DEQQSPDIILPIHSLRNVRAIDYDPLDKQLYWIDSRQNMIRKAQEDGSQGFTVVVSSVPSQNLEIQPYDLSIDIYSRYIY
WT(OCS)EATNVINVTRLDGRSVGVVLKGEQDRPRAIVVNPEKGYMYFTNLQERSPKIERAALDGTEREVLFFSGLSKPI
ALALDSRLGKLFWADSDLRRIESSDLSGANRIVLEDSNILQPVGLTVFENWLYWIDKQQQMIEKIDMTGREGRTKVQARI
AQLSDIHAVKELNLQEYRQHPCAQDNGGCSHICLVKGDGTTRCSCPMHLVLLQDELSCGEPPTCSPQQGNSHHHHHH
;
A
2 'polypeptide(L)' GCIPVITTRGVRCKQDSDCLAGCVCDVSQACG B
#
# COMPACT_ATOMS: atom_id res chain seq x y z
N SER A 1 23.64 -27.98 -12.71
CA SER A 1 24.25 -26.66 -12.72
C SER A 1 24.57 -26.23 -14.16
N GLU A 2 23.78 -26.73 -15.11
CA GLU A 2 23.93 -26.34 -16.50
C GLU A 2 23.54 -24.88 -16.70
N ALA A 3 24.23 -24.21 -17.62
CA ALA A 3 23.91 -22.82 -17.94
C ALA A 3 22.70 -22.75 -18.87
N PHE A 4 21.71 -21.95 -18.47
CA PHE A 4 20.48 -21.79 -19.22
C PHE A 4 20.25 -20.32 -19.52
N LEU A 5 19.69 -20.04 -20.69
CA LEU A 5 19.23 -18.70 -21.04
C LEU A 5 17.72 -18.69 -20.96
N LEU A 6 17.18 -17.79 -20.13
CA LEU A 6 15.75 -17.59 -20.01
C LEU A 6 15.38 -16.24 -20.62
N PHE A 7 14.33 -16.21 -21.42
CA PHE A 7 13.82 -14.97 -21.97
C PHE A 7 12.31 -14.90 -21.81
N SER A 8 11.81 -13.68 -21.65
CA SER A 8 10.38 -13.43 -21.52
C SER A 8 9.86 -12.84 -22.82
N ARG A 9 8.74 -13.37 -23.30
CA ARG A 9 8.12 -12.88 -24.52
C ARG A 9 6.64 -13.16 -24.45
N ARG A 10 5.83 -12.12 -24.73
CA ARG A 10 4.37 -12.22 -24.65
C ARG A 10 3.99 -12.76 -23.28
N ALA A 11 3.24 -13.87 -23.25
CA ALA A 11 2.80 -14.46 -21.99
C ALA A 11 3.65 -15.63 -21.54
N ASP A 12 4.79 -15.87 -22.18
CA ASP A 12 5.60 -17.04 -21.90
C ASP A 12 6.95 -16.64 -21.34
N ILE A 13 7.52 -17.54 -20.55
CA ILE A 13 8.93 -17.55 -20.20
C ILE A 13 9.50 -18.81 -20.81
N ARG A 14 10.46 -18.64 -21.73
N ARG A 14 10.43 -18.65 -21.75
CA ARG A 14 11.04 -19.76 -22.46
CA ARG A 14 11.01 -19.79 -22.44
C ARG A 14 12.53 -19.89 -22.12
C ARG A 14 12.38 -20.09 -21.85
N ARG A 15 13.06 -21.07 -22.44
CA ARG A 15 14.38 -21.49 -21.98
C ARG A 15 15.24 -21.90 -23.16
N ILE A 16 16.48 -21.41 -23.19
CA ILE A 16 17.46 -21.81 -24.19
C ILE A 16 18.67 -22.35 -23.45
N SER A 17 19.08 -23.57 -23.76
CA SER A 17 20.28 -24.12 -23.16
C SER A 17 21.52 -23.46 -23.77
N LEU A 18 22.41 -22.99 -22.92
CA LEU A 18 23.66 -22.37 -23.36
C LEU A 18 24.77 -23.38 -23.57
N GLU A 19 24.57 -24.64 -23.20
CA GLU A 19 25.58 -25.67 -23.36
C GLU A 19 25.23 -26.73 -24.39
N THR A 20 23.95 -27.09 -24.52
CA THR A 20 23.49 -28.06 -25.50
C THR A 20 22.75 -27.35 -26.62
N ASN A 21 23.10 -27.67 -27.86
CA ASN A 21 22.45 -27.07 -29.01
C ASN A 21 20.97 -27.45 -29.08
N ASN A 22 20.60 -28.61 -28.54
CA ASN A 22 19.26 -29.16 -28.69
C ASN A 22 18.41 -28.88 -27.44
N ASN A 23 18.00 -27.62 -27.33
CA ASN A 23 17.13 -27.26 -26.21
C ASN A 23 16.35 -25.96 -26.16
N ASN A 24 15.10 -25.99 -26.57
CA ASN A 24 14.25 -24.82 -26.42
C ASN A 24 12.96 -25.33 -25.82
N VAL A 25 12.57 -24.76 -24.69
CA VAL A 25 11.38 -25.22 -23.98
C VAL A 25 10.75 -24.04 -23.27
N ALA A 26 9.43 -24.08 -23.14
CA ALA A 26 8.70 -23.07 -22.39
C ALA A 26 8.52 -23.53 -20.95
N ILE A 27 8.70 -22.60 -20.01
CA ILE A 27 8.42 -22.91 -18.60
C ILE A 27 6.91 -23.08 -18.44
N PRO A 28 6.45 -24.20 -17.86
CA PRO A 28 5.00 -24.44 -17.78
C PRO A 28 4.30 -23.54 -16.78
N LEU A 29 3.98 -22.32 -17.20
CA LEU A 29 3.32 -21.34 -16.34
C LEU A 29 1.84 -21.23 -16.69
N THR A 30 1.03 -20.94 -15.67
CA THR A 30 -0.39 -20.76 -15.81
C THR A 30 -0.77 -19.33 -15.45
N GLY A 31 -1.73 -18.76 -16.19
CA GLY A 31 -2.33 -17.51 -15.78
C GLY A 31 -1.47 -16.28 -15.97
N VAL A 32 -0.40 -16.37 -16.75
CA VAL A 32 0.48 -15.23 -17.00
C VAL A 32 -0.02 -14.51 -18.25
N LYS A 33 -0.15 -13.19 -18.19
CA LYS A 33 -0.55 -12.40 -19.34
C LYS A 33 0.61 -11.67 -20.02
N GLU A 34 1.50 -11.05 -19.26
CA GLU A 34 2.63 -10.32 -19.83
C GLU A 34 3.86 -10.54 -18.95
N ALA A 35 4.69 -11.51 -19.32
CA ALA A 35 5.93 -11.77 -18.60
C ALA A 35 6.95 -10.71 -18.98
N SER A 36 7.45 -10.00 -17.99
CA SER A 36 8.35 -8.92 -18.27
C SER A 36 9.63 -9.39 -17.66
N ALA A 37 9.88 -9.01 -16.44
CA ALA A 37 11.21 -8.93 -15.84
C ALA A 37 11.52 -10.26 -15.18
N LEU A 38 12.75 -10.75 -15.36
CA LEU A 38 13.12 -12.06 -14.88
C LEU A 38 14.29 -12.01 -13.91
N ASP A 39 14.25 -12.94 -12.94
CA ASP A 39 15.40 -13.27 -12.10
C ASP A 39 15.18 -14.67 -11.55
N PHE A 40 16.11 -15.11 -10.71
CA PHE A 40 16.04 -16.46 -10.17
C PHE A 40 16.80 -16.51 -8.85
N ASP A 41 16.58 -17.59 -8.11
CA ASP A 41 17.28 -17.87 -6.87
C ASP A 41 18.12 -19.11 -7.06
N VAL A 42 19.45 -18.97 -6.95
CA VAL A 42 20.35 -20.10 -7.10
C VAL A 42 20.15 -21.13 -6.00
N THR A 43 19.59 -20.72 -4.85
CA THR A 43 19.46 -21.62 -3.72
C THR A 43 18.49 -22.77 -4.02
N ASP A 44 17.36 -22.47 -4.64
CA ASP A 44 16.30 -23.46 -4.82
C ASP A 44 15.79 -23.54 -6.25
N ASN A 45 16.51 -22.97 -7.22
CA ASN A 45 16.15 -23.07 -8.64
C ASN A 45 14.76 -22.48 -8.91
N ARG A 46 14.33 -21.55 -8.07
CA ARG A 46 13.09 -20.83 -8.31
C ARG A 46 13.34 -19.70 -9.30
N ILE A 47 12.35 -19.43 -10.15
CA ILE A 47 12.41 -18.32 -11.08
C ILE A 47 11.37 -17.29 -10.68
N TYR A 48 11.71 -16.01 -10.86
CA TYR A 48 10.87 -14.89 -10.48
C TYR A 48 10.59 -14.03 -11.70
N TRP A 49 9.35 -13.56 -11.82
CA TRP A 49 8.98 -12.72 -12.95
C TRP A 49 7.88 -11.75 -12.56
N THR A 50 7.90 -10.57 -13.17
CA THR A 50 6.86 -9.58 -12.99
C THR A 50 5.90 -9.60 -14.17
N ASP A 51 4.70 -9.07 -13.95
CA ASP A 51 3.65 -9.01 -14.96
C ASP A 51 3.15 -7.57 -15.05
N ILE A 52 3.42 -6.90 -16.17
CA ILE A 52 3.00 -5.51 -16.35
C ILE A 52 1.48 -5.40 -16.41
N SER A 53 0.82 -6.35 -17.05
CA SER A 53 -0.63 -6.26 -17.21
C SER A 53 -1.36 -6.76 -15.96
N LEU A 54 -0.92 -7.88 -15.39
CA LEU A 54 -1.50 -8.34 -14.14
C LEU A 54 -1.12 -7.44 -12.97
N LYS A 55 -0.07 -6.63 -13.10
CA LYS A 55 0.45 -5.82 -12.02
C LYS A 55 0.75 -6.68 -10.79
N THR A 56 1.50 -7.75 -11.02
CA THR A 56 1.89 -8.68 -9.97
C THR A 56 3.34 -9.08 -10.17
N ILE A 57 3.92 -9.63 -9.10
CA ILE A 57 5.19 -10.35 -9.15
C ILE A 57 4.92 -11.77 -8.68
N SER A 58 5.57 -12.75 -9.32
CA SER A 58 5.27 -14.15 -9.08
C SER A 58 6.55 -14.97 -9.14
N ARG A 59 6.45 -16.21 -8.67
CA ARG A 59 7.58 -17.11 -8.66
C ARG A 59 7.08 -18.53 -8.80
N ALA A 60 7.96 -19.41 -9.27
CA ALA A 60 7.66 -20.83 -9.42
C ALA A 60 8.99 -21.54 -9.66
N PHE A 61 8.95 -22.86 -9.55
CA PHE A 61 10.08 -23.65 -10.00
C PHE A 61 10.07 -23.73 -11.52
N MET A 62 11.24 -24.01 -12.09
CA MET A 62 11.36 -24.07 -13.55
C MET A 62 10.47 -25.13 -14.16
N ASN A 63 10.09 -26.16 -13.41
CA ASN A 63 9.18 -27.16 -13.94
C ASN A 63 7.72 -26.75 -13.81
N GLY A 64 7.46 -25.51 -13.43
CA GLY A 64 6.10 -24.98 -13.34
CA GLY A 64 6.10 -24.98 -13.34
C GLY A 64 5.37 -25.27 -12.05
N SER A 65 6.01 -25.90 -11.07
CA SER A 65 5.35 -26.21 -9.81
C SER A 65 5.43 -25.04 -8.84
N ALA A 66 4.55 -25.07 -7.84
CA ALA A 66 4.52 -24.09 -6.77
C ALA A 66 4.41 -22.67 -7.31
N LEU A 67 3.56 -22.48 -8.33
CA LEU A 67 3.26 -21.14 -8.81
C LEU A 67 2.66 -20.32 -7.67
N GLU A 68 3.23 -19.13 -7.45
CA GLU A 68 2.92 -18.34 -6.28
C GLU A 68 3.00 -16.87 -6.64
N HIS A 69 2.03 -16.09 -6.19
CA HIS A 69 2.10 -14.65 -6.36
C HIS A 69 2.71 -14.14 -5.08
N VAL A 70 3.77 -13.35 -5.15
CA VAL A 70 4.49 -12.87 -3.97
C VAL A 70 4.18 -11.39 -3.75
N VAL A 71 3.93 -10.66 -4.84
CA VAL A 71 3.51 -9.27 -4.76
C VAL A 71 2.28 -9.10 -5.64
N GLU A 72 1.20 -8.56 -5.08
CA GLU A 72 -0.07 -8.41 -5.78
C GLU A 72 -0.62 -6.99 -5.77
N PHE A 73 -0.43 -6.25 -4.68
CA PHE A 73 -1.02 -4.93 -4.53
C PHE A 73 0.03 -3.84 -4.69
N GLY A 74 -0.43 -2.64 -5.04
CA GLY A 74 0.43 -1.48 -5.05
C GLY A 74 1.41 -1.41 -6.20
N LEU A 75 1.24 -2.24 -7.22
CA LEU A 75 2.08 -2.20 -8.40
C LEU A 75 1.31 -1.56 -9.55
N ASP A 76 2.00 -0.74 -10.34
CA ASP A 76 1.43 -0.21 -11.57
C ASP A 76 2.19 -0.70 -12.79
N TYR A 77 3.49 -0.45 -12.85
CA TYR A 77 4.34 -0.94 -13.94
C TYR A 77 5.63 -1.45 -13.35
N PRO A 78 5.62 -2.66 -12.79
CA PRO A 78 6.85 -3.25 -12.22
C PRO A 78 7.78 -3.79 -13.31
N GLU A 79 8.54 -2.88 -13.90
CA GLU A 79 9.45 -3.20 -14.99
C GLU A 79 10.84 -3.57 -14.52
N GLY A 80 11.12 -3.47 -13.24
CA GLY A 80 12.41 -3.88 -12.70
C GLY A 80 12.22 -4.77 -11.49
N MET A 81 13.13 -5.73 -11.36
CA MET A 81 13.01 -6.73 -10.32
C MET A 81 14.30 -7.54 -10.29
N ALA A 82 14.73 -7.92 -9.08
CA ALA A 82 15.98 -8.65 -8.94
C ALA A 82 15.96 -9.40 -7.62
N VAL A 83 16.52 -10.61 -7.62
CA VAL A 83 16.57 -11.44 -6.42
C VAL A 83 17.86 -11.13 -5.68
N ASP A 84 17.75 -10.88 -4.38
CA ASP A 84 18.92 -10.81 -3.49
C ASP A 84 19.15 -12.22 -2.97
N TRP A 85 20.10 -12.92 -3.58
CA TRP A 85 20.32 -14.34 -3.27
C TRP A 85 21.10 -14.56 -1.99
N LEU A 86 21.67 -13.51 -1.40
CA LEU A 86 22.40 -13.66 -0.15
C LEU A 86 21.51 -13.36 1.05
N GLY A 87 20.83 -12.21 1.04
CA GLY A 87 19.87 -11.89 2.08
C GLY A 87 18.51 -12.51 1.89
N LYS A 88 18.32 -13.25 0.79
CA LYS A 88 17.03 -13.85 0.46
C LYS A 88 15.93 -12.79 0.41
N ASN A 89 16.15 -11.76 -0.39
CA ASN A 89 15.26 -10.63 -0.52
C ASN A 89 14.83 -10.44 -1.96
N LEU A 90 13.67 -9.80 -2.15
CA LEU A 90 13.14 -9.48 -3.47
C LEU A 90 13.06 -7.97 -3.61
N TYR A 91 13.83 -7.42 -4.55
CA TYR A 91 13.77 -6.01 -4.91
C TYR A 91 13.03 -5.84 -6.22
N TRP A 92 12.33 -4.71 -6.35
CA TRP A 92 11.68 -4.37 -7.61
C TRP A 92 11.53 -2.86 -7.72
N ALA A 93 11.35 -2.39 -8.95
CA ALA A 93 11.12 -0.99 -9.25
C ALA A 93 9.85 -0.85 -10.07
N ASP A 94 9.06 0.19 -9.78
CA ASP A 94 7.82 0.46 -10.47
C ASP A 94 7.89 1.84 -11.09
N THR A 95 7.74 1.92 -12.41
CA THR A 95 7.79 3.21 -13.08
C THR A 95 6.49 3.98 -12.98
N GLY A 96 5.41 3.31 -12.59
CA GLY A 96 4.13 3.98 -12.40
C GLY A 96 4.06 4.64 -11.04
N THR A 97 4.44 3.91 -9.99
CA THR A 97 4.46 4.43 -8.64
C THR A 97 5.75 5.16 -8.30
N ASN A 98 6.76 5.07 -9.13
CA ASN A 98 8.05 5.69 -8.88
C ASN A 98 8.60 5.27 -7.54
N ARG A 99 8.65 3.98 -7.32
CA ARG A 99 9.11 3.40 -6.06
C ARG A 99 10.10 2.28 -6.33
N ILE A 100 11.03 2.10 -5.41
CA ILE A 100 11.89 0.93 -5.34
C ILE A 100 11.66 0.28 -3.99
N GLU A 101 11.14 -0.94 -4.01
CA GLU A 101 10.69 -1.61 -2.81
C GLU A 101 11.53 -2.86 -2.54
N VAL A 102 11.39 -3.39 -1.34
CA VAL A 102 12.02 -4.65 -0.94
C VAL A 102 11.01 -5.49 -0.16
N SER A 103 11.22 -6.80 -0.20
CA SER A 103 10.45 -7.74 0.60
C SER A 103 11.22 -9.06 0.64
N LYS A 104 10.80 -9.94 1.53
CA LYS A 104 11.31 -11.30 1.48
C LYS A 104 10.88 -11.96 0.17
N LEU A 105 11.61 -13.02 -0.20
CA LEU A 105 11.37 -13.68 -1.48
C LEU A 105 9.97 -14.29 -1.56
N ASP A 106 9.29 -14.47 -0.44
CA ASP A 106 7.90 -14.90 -0.43
C ASP A 106 6.93 -13.72 -0.33
N GLY A 107 7.43 -12.49 -0.44
CA GLY A 107 6.60 -11.30 -0.40
C GLY A 107 6.38 -10.71 0.96
N GLN A 108 6.80 -11.39 2.03
CA GLN A 108 6.57 -10.90 3.38
C GLN A 108 7.43 -9.66 3.66
N HIS A 109 6.93 -8.83 4.58
CA HIS A 109 7.70 -7.73 5.14
C HIS A 109 8.06 -6.70 4.07
N ARG A 110 7.07 -6.37 3.25
CA ARG A 110 7.25 -5.39 2.17
C ARG A 110 7.60 -4.03 2.74
N GLN A 111 8.64 -3.41 2.16
CA GLN A 111 9.12 -2.11 2.59
C GLN A 111 9.50 -1.30 1.37
N VAL A 112 9.38 0.02 1.47
CA VAL A 112 9.75 0.94 0.40
C VAL A 112 11.10 1.54 0.72
N LEU A 113 12.04 1.43 -0.22
CA LEU A 113 13.42 1.87 -0.02
C LEU A 113 13.73 3.22 -0.69
N VAL A 114 13.27 3.44 -1.91
CA VAL A 114 13.46 4.71 -2.61
C VAL A 114 12.10 5.18 -3.11
N TRP A 115 11.71 6.39 -2.75
CA TRP A 115 10.42 6.92 -3.16
C TRP A 115 10.43 8.38 -3.48
N LYS A 116 11.48 9.08 -3.10
CA LYS A 116 11.54 10.52 -3.31
C LYS A 116 12.46 10.94 -4.43
N ASP A 117 12.06 11.95 -5.18
CA ASP A 117 12.83 12.41 -6.33
C ASP A 117 13.23 11.24 -7.23
N LEU A 118 12.30 10.31 -7.39
CA LEU A 118 12.48 9.13 -8.23
C LEU A 118 11.54 9.25 -9.42
N ASP A 119 12.10 9.24 -10.63
CA ASP A 119 11.30 9.35 -11.85
C ASP A 119 11.59 8.15 -12.75
N SER A 120 10.59 7.27 -12.86
CA SER A 120 10.64 6.12 -13.76
C SER A 120 11.86 5.23 -13.55
N PRO A 121 12.00 4.61 -12.37
CA PRO A 121 13.11 3.65 -12.17
C PRO A 121 12.79 2.35 -12.88
N ARG A 122 13.65 1.92 -13.78
CA ARG A 122 13.34 0.78 -14.62
C ARG A 122 14.18 -0.47 -14.51
N ALA A 123 15.49 -0.36 -14.59
CA ALA A 123 16.32 -1.55 -14.65
C ALA A 123 17.15 -1.67 -13.38
N LEU A 124 17.05 -2.81 -12.70
CA LEU A 124 17.61 -2.98 -11.38
C LEU A 124 18.66 -4.09 -11.39
N ALA A 125 19.81 -3.83 -10.77
CA ALA A 125 20.85 -4.82 -10.57
C ALA A 125 21.34 -4.75 -9.13
N LEU A 126 21.62 -5.92 -8.54
CA LEU A 126 21.98 -6.01 -7.14
C LEU A 126 23.40 -6.55 -7.00
N ASP A 127 24.10 -6.05 -5.99
CA ASP A 127 25.44 -6.54 -5.62
C ASP A 127 25.48 -6.75 -4.12
N PRO A 128 24.73 -7.73 -3.61
CA PRO A 128 24.64 -7.90 -2.15
C PRO A 128 25.97 -8.21 -1.49
N ALA A 129 26.92 -8.81 -2.22
CA ALA A 129 28.23 -9.06 -1.63
C ALA A 129 28.99 -7.77 -1.40
N GLU A 130 28.63 -6.68 -2.07
CA GLU A 130 29.26 -5.39 -1.83
C GLU A 130 28.34 -4.39 -1.13
N GLY A 131 27.04 -4.64 -1.09
CA GLY A 131 26.11 -3.76 -0.43
C GLY A 131 25.57 -2.62 -1.27
N PHE A 132 25.79 -2.62 -2.57
CA PHE A 132 25.29 -1.58 -3.46
C PHE A 132 24.20 -2.15 -4.37
N MET A 133 23.24 -1.30 -4.73
CA MET A 133 22.33 -1.60 -5.82
C MET A 133 22.40 -0.48 -6.85
N TYR A 134 22.14 -0.84 -8.11
CA TYR A 134 22.25 0.07 -9.22
C TYR A 134 20.94 0.03 -9.99
N TRP A 135 20.53 1.16 -10.55
CA TRP A 135 19.33 1.17 -11.34
C TRP A 135 19.38 2.31 -12.36
N THR A 136 18.57 2.17 -13.39
CA THR A 136 18.43 3.21 -14.40
C THR A 136 17.16 3.99 -14.13
N GLU A 137 17.22 5.30 -14.35
CA GLU A 137 16.08 6.17 -14.25
C GLU A 137 15.77 6.73 -15.61
N TRP A 138 14.52 6.64 -16.03
CA TRP A 138 14.06 7.27 -17.25
C TRP A 138 13.47 8.65 -16.89
N GLY A 139 12.70 9.25 -17.79
CA GLY A 139 12.03 10.48 -17.46
C GLY A 139 12.61 11.67 -18.17
N GLY A 140 12.46 12.86 -17.56
CA GLY A 140 12.97 14.06 -18.20
C GLY A 140 14.48 14.07 -18.33
N LYS A 141 15.15 13.77 -17.21
CA LYS A 141 16.59 13.70 -17.20
C LYS A 141 17.04 12.25 -16.80
N PRO A 142 17.19 11.33 -17.79
CA PRO A 142 17.57 9.95 -17.47
C PRO A 142 18.98 9.89 -16.91
N LYS A 143 19.18 8.94 -15.99
CA LYS A 143 20.49 8.73 -15.37
C LYS A 143 20.54 7.32 -14.81
N ILE A 144 21.74 6.88 -14.51
CA ILE A 144 21.96 5.62 -13.80
C ILE A 144 22.35 5.96 -12.37
N ASP A 145 21.58 5.46 -11.41
CA ASP A 145 21.76 5.81 -10.00
C ASP A 145 22.36 4.63 -9.24
N ARG A 146 22.96 4.96 -8.10
CA ARG A 146 23.52 3.97 -7.21
C ARG A 146 23.07 4.26 -5.79
N ALA A 147 22.90 3.19 -5.00
CA ALA A 147 22.55 3.33 -3.60
C ALA A 147 22.92 2.06 -2.87
N ALA A 148 22.92 2.13 -1.55
CA ALA A 148 23.06 0.94 -0.74
C ALA A 148 21.79 0.09 -0.87
N MET A 149 21.92 -1.19 -0.52
CA MET A 149 20.79 -2.11 -0.66
C MET A 149 19.75 -1.94 0.47
N ASP A 150 19.90 -0.90 1.29
CA ASP A 150 18.86 -0.43 2.20
C ASP A 150 18.27 0.90 1.75
N GLY A 151 18.68 1.40 0.59
CA GLY A 151 18.19 2.63 0.04
C GLY A 151 18.97 3.87 0.41
N SER A 152 19.96 3.75 1.28
CA SER A 152 20.69 4.91 1.79
C SER A 152 21.83 5.29 0.85
N GLU A 153 22.28 6.54 1.01
CA GLU A 153 23.35 7.14 0.20
C GLU A 153 23.08 6.94 -1.29
N ARG A 154 21.91 7.39 -1.72
CA ARG A 154 21.59 7.40 -3.14
C ARG A 154 22.43 8.47 -3.83
N THR A 155 23.03 8.09 -4.96
CA THR A 155 23.85 9.00 -5.73
C THR A 155 23.68 8.68 -7.21
N THR A 156 23.93 9.67 -8.05
CA THR A 156 23.87 9.50 -9.49
C THR A 156 25.22 9.00 -9.97
N LEU A 157 25.23 7.86 -10.66
CA LEU A 157 26.48 7.29 -11.13
C LEU A 157 26.87 7.83 -12.51
N VAL A 158 25.98 7.71 -13.48
CA VAL A 158 26.23 8.10 -14.86
C VAL A 158 25.18 9.14 -15.26
N PRO A 159 25.51 10.43 -15.21
CA PRO A 159 24.49 11.45 -15.49
C PRO A 159 24.18 11.65 -16.97
N ASN A 160 25.16 11.51 -17.86
CA ASN A 160 24.92 11.75 -19.28
C ASN A 160 24.64 10.41 -19.95
N VAL A 161 23.35 10.09 -20.08
CA VAL A 161 22.93 8.84 -20.69
C VAL A 161 21.45 8.99 -21.05
N GLY A 162 21.04 8.27 -22.09
CA GLY A 162 19.64 8.20 -22.44
C GLY A 162 18.92 7.24 -21.52
N ARG A 163 17.76 6.77 -21.97
CA ARG A 163 17.02 5.76 -21.23
C ARG A 163 17.77 4.44 -21.33
N ALA A 164 18.34 4.00 -20.20
CA ALA A 164 19.15 2.80 -20.16
C ALA A 164 18.32 1.62 -19.68
N ASN A 165 18.60 0.44 -20.24
CA ASN A 165 17.88 -0.78 -19.89
C ASN A 165 18.88 -1.91 -19.73
N GLY A 166 18.41 -3.01 -19.15
CA GLY A 166 19.23 -4.21 -19.02
C GLY A 166 20.50 -4.01 -18.21
N LEU A 167 20.44 -3.17 -17.18
CA LEU A 167 21.59 -2.94 -16.32
C LEU A 167 22.08 -4.25 -15.73
N THR A 168 23.35 -4.59 -16.00
CA THR A 168 23.90 -5.88 -15.64
C THR A 168 25.28 -5.69 -15.04
N ILE A 169 25.60 -6.48 -14.04
CA ILE A 169 26.91 -6.44 -13.40
C ILE A 169 27.71 -7.64 -13.86
N ASP A 170 28.94 -7.38 -14.33
CA ASP A 170 29.96 -8.41 -14.49
C ASP A 170 30.67 -8.52 -13.15
N TYR A 171 30.27 -9.50 -12.34
CA TYR A 171 30.81 -9.61 -10.99
C TYR A 171 32.29 -9.96 -10.99
N ALA A 172 32.71 -10.82 -11.92
CA ALA A 172 34.11 -11.23 -11.97
C ALA A 172 35.01 -10.06 -12.35
N LYS A 173 34.60 -9.24 -13.31
CA LYS A 173 35.44 -8.17 -13.82
C LYS A 173 35.10 -6.80 -13.23
N ARG A 174 34.06 -6.71 -12.40
CA ARG A 174 33.69 -5.46 -11.75
C ARG A 174 33.36 -4.38 -12.79
N ARG A 175 32.40 -4.70 -13.65
CA ARG A 175 31.99 -3.78 -14.70
C ARG A 175 30.47 -3.76 -14.80
N LEU A 176 29.93 -2.59 -15.12
CA LEU A 176 28.52 -2.41 -15.37
C LEU A 176 28.27 -2.39 -16.87
N TYR A 177 27.17 -3.02 -17.30
CA TYR A 177 26.75 -3.03 -18.69
C TYR A 177 25.32 -2.53 -18.79
N TRP A 178 24.99 -1.89 -19.91
CA TRP A 178 23.62 -1.48 -20.18
C TRP A 178 23.45 -1.17 -21.66
N THR A 179 22.20 -1.22 -22.09
CA THR A 179 21.78 -0.70 -23.39
C THR A 179 21.22 0.70 -23.20
N ASP A 180 21.44 1.54 -24.21
CA ASP A 180 20.86 2.87 -24.25
C ASP A 180 19.85 2.90 -25.39
N LEU A 181 18.57 3.05 -25.05
CA LEU A 181 17.52 2.98 -26.06
C LEU A 181 17.38 4.27 -26.86
N ASP A 182 18.10 5.32 -26.48
CA ASP A 182 18.10 6.57 -27.22
C ASP A 182 19.29 6.69 -28.16
N THR A 183 20.49 6.35 -27.68
CA THR A 183 21.68 6.32 -28.53
C THR A 183 21.84 5.01 -29.26
N ASN A 184 21.03 3.99 -28.94
CA ASN A 184 21.10 2.68 -29.56
C ASN A 184 22.52 2.10 -29.48
N LEU A 185 23.05 2.13 -28.26
CA LEU A 185 24.38 1.64 -27.98
C LEU A 185 24.32 0.59 -26.86
N ILE A 186 25.36 -0.24 -26.79
CA ILE A 186 25.61 -1.07 -25.62
C ILE A 186 26.89 -0.55 -24.99
N GLU A 187 26.79 -0.07 -23.76
CA GLU A 187 27.90 0.59 -23.08
C GLU A 187 28.37 -0.21 -21.88
N SER A 188 29.56 0.13 -21.42
CA SER A 188 30.15 -0.50 -20.24
C SER A 188 30.93 0.54 -19.45
N SER A 189 30.97 0.35 -18.14
CA SER A 189 31.77 1.19 -17.26
C SER A 189 32.27 0.33 -16.10
N ASN A 190 33.00 0.95 -15.19
CA ASN A 190 33.38 0.28 -13.96
C ASN A 190 32.24 0.46 -12.95
N MET A 191 32.44 0.00 -11.71
CA MET A 191 31.39 0.14 -10.70
C MET A 191 31.14 1.59 -10.31
N LEU A 192 32.06 2.49 -10.66
CA LEU A 192 31.92 3.91 -10.37
C LEU A 192 31.38 4.70 -11.54
N GLY A 193 31.02 4.03 -12.64
CA GLY A 193 30.54 4.71 -13.81
C GLY A 193 31.61 5.37 -14.64
N LEU A 194 32.89 5.15 -14.32
CA LEU A 194 34.00 5.66 -15.10
C LEU A 194 34.52 4.57 -16.04
N ASN A 195 35.53 4.94 -16.83
CA ASN A 195 36.05 4.05 -17.87
C ASN A 195 34.94 3.60 -18.81
N ARG A 196 34.11 4.54 -19.22
CA ARG A 196 32.99 4.22 -20.09
C ARG A 196 33.42 3.85 -21.48
N GLU A 197 32.90 2.74 -21.98
CA GLU A 197 33.28 2.25 -23.30
C GLU A 197 32.03 1.79 -24.05
N VAL A 198 31.99 2.11 -25.34
CA VAL A 198 30.93 1.60 -26.20
C VAL A 198 31.33 0.20 -26.66
N ILE A 199 30.50 -0.79 -26.38
CA ILE A 199 30.82 -2.16 -26.73
C ILE A 199 30.28 -2.53 -28.10
N ALA A 200 29.10 -2.03 -28.44
CA ALA A 200 28.51 -2.24 -29.76
C ALA A 200 27.73 -0.98 -30.14
N ASP A 201 28.08 -0.42 -31.29
CA ASP A 201 27.43 0.79 -31.79
C ASP A 201 26.64 0.56 -33.07
N ASP A 202 26.60 -0.66 -33.60
CA ASP A 202 25.95 -0.93 -34.87
C ASP A 202 24.60 -1.60 -34.71
N LEU A 203 24.09 -1.68 -33.50
CA LEU A 203 22.82 -2.36 -33.28
C LEU A 203 21.67 -1.37 -33.48
N PRO A 204 20.63 -1.75 -34.21
CA PRO A 204 19.56 -0.78 -34.51
C PRO A 204 18.61 -0.55 -33.34
N HIS A 205 18.35 -1.56 -32.50
CA HIS A 205 17.38 -1.43 -31.41
C HIS A 205 17.71 -2.36 -30.20
N PRO A 206 18.89 -2.21 -29.58
CA PRO A 206 19.18 -3.08 -28.42
C PRO A 206 18.27 -2.72 -27.26
N PHE A 207 17.66 -3.72 -26.63
CA PHE A 207 16.76 -3.49 -25.52
C PHE A 207 17.22 -4.21 -24.28
N GLY A 208 17.26 -5.54 -24.32
CA GLY A 208 17.60 -6.29 -23.15
C GLY A 208 19.07 -6.66 -23.13
N LEU A 209 19.58 -6.98 -21.96
CA LEU A 209 21.01 -7.25 -21.83
C LEU A 209 21.26 -8.13 -20.62
N THR A 210 22.28 -8.97 -20.75
CA THR A 210 22.78 -9.78 -19.65
C THR A 210 24.21 -10.18 -20.02
N GLN A 211 24.89 -10.81 -19.07
CA GLN A 211 26.28 -11.18 -19.29
C GLN A 211 26.56 -12.56 -18.71
N TYR A 212 27.31 -13.36 -19.46
CA TYR A 212 27.76 -14.68 -19.03
C TYR A 212 29.15 -14.94 -19.58
N GLN A 213 30.07 -15.29 -18.71
CA GLN A 213 31.42 -15.57 -19.11
C GLN A 213 32.05 -14.43 -19.86
N ASP A 214 32.56 -14.71 -21.04
CA ASP A 214 33.20 -13.66 -21.82
C ASP A 214 32.26 -13.05 -22.85
N TYR A 215 30.98 -13.33 -22.73
CA TYR A 215 30.00 -12.86 -23.68
C TYR A 215 28.92 -12.03 -23.00
N ILE A 216 28.44 -11.01 -23.72
CA ILE A 216 27.20 -10.34 -23.37
C ILE A 216 26.12 -10.84 -24.32
N TYR A 217 24.89 -10.91 -23.80
CA TYR A 217 23.71 -11.28 -24.57
C TYR A 217 22.76 -10.09 -24.58
N TRP A 218 22.20 -9.80 -25.74
CA TRP A 218 21.22 -8.73 -25.86
C TRP A 218 20.04 -9.20 -26.70
N THR A 219 18.96 -8.43 -26.63
CA THR A 219 17.83 -8.58 -27.54
C THR A 219 17.70 -7.31 -28.37
N ASP A 220 17.38 -7.48 -29.65
CA ASP A 220 17.13 -6.36 -30.54
C ASP A 220 15.68 -6.42 -31.00
N TRP A 221 14.93 -5.34 -30.73
CA TRP A 221 13.53 -5.31 -31.10
C TRP A 221 13.33 -5.10 -32.59
N SER A 222 14.30 -4.46 -33.26
CA SER A 222 14.20 -4.34 -34.71
C SER A 222 14.65 -5.62 -35.41
N ARG A 223 15.65 -6.30 -34.86
CA ARG A 223 16.14 -7.54 -35.43
C ARG A 223 15.42 -8.77 -34.90
N ARG A 224 14.52 -8.60 -33.92
CA ARG A 224 13.73 -9.68 -33.34
C ARG A 224 14.60 -10.87 -32.96
N SER A 225 15.68 -10.58 -32.23
CA SER A 225 16.71 -11.57 -32.01
C SER A 225 17.18 -11.53 -30.57
N ILE A 226 17.73 -12.67 -30.15
CA ILE A 226 18.62 -12.76 -29.00
C ILE A 226 20.00 -13.06 -29.57
N GLU A 227 20.94 -12.14 -29.36
CA GLU A 227 22.27 -12.23 -29.93
C GLU A 227 23.31 -12.18 -28.83
N ARG A 228 24.53 -12.60 -29.18
CA ARG A 228 25.61 -12.71 -28.20
C ARG A 228 26.91 -12.26 -28.85
N ALA A 229 27.72 -11.54 -28.08
CA ALA A 229 29.02 -11.11 -28.57
C ALA A 229 30.00 -10.99 -27.42
N ASN A 230 31.28 -10.93 -27.77
CA ASN A 230 32.35 -10.71 -26.81
C ASN A 230 32.08 -9.46 -25.99
N LYS A 231 32.16 -9.61 -24.65
CA LYS A 231 31.87 -8.48 -23.76
C LYS A 231 32.95 -7.41 -23.81
N THR A 232 34.16 -7.76 -24.24
CA THR A 232 35.25 -6.79 -24.32
C THR A 232 35.34 -6.15 -25.70
N SER A 233 35.43 -6.97 -26.74
CA SER A 233 35.67 -6.46 -28.08
C SER A 233 34.39 -6.16 -28.86
N GLY A 234 33.26 -6.75 -28.47
CA GLY A 234 32.05 -6.65 -29.26
C GLY A 234 32.01 -7.53 -30.47
N GLN A 235 33.06 -8.26 -30.75
CA GLN A 235 33.09 -9.16 -31.88
C GLN A 235 32.65 -10.56 -31.49
N ASN A 236 33.04 -11.58 -32.25
CA ASN A 236 32.63 -12.95 -31.95
C ASN A 236 31.12 -13.07 -31.85
N ARG A 237 30.41 -12.32 -32.68
CA ARG A 237 28.96 -12.28 -32.62
C ARG A 237 28.35 -13.57 -33.12
N THR A 238 27.25 -13.97 -32.50
CA THR A 238 26.46 -15.10 -32.96
C THR A 238 25.00 -14.84 -32.60
N ILE A 239 24.10 -15.33 -33.43
CA ILE A 239 22.66 -15.17 -33.21
C ILE A 239 22.17 -16.40 -32.46
N ILE A 240 21.73 -16.19 -31.22
CA ILE A 240 21.21 -17.31 -30.43
C ILE A 240 19.87 -17.77 -30.98
N GLN A 241 19.01 -16.81 -31.30
CA GLN A 241 17.71 -17.12 -31.91
C GLN A 241 17.13 -15.92 -32.58
N GLY A 242 16.41 -16.12 -33.65
CA GLY A 242 15.75 -15.06 -34.38
C GLY A 242 14.25 -15.24 -34.38
N HIS A 243 13.57 -14.33 -35.09
CA HIS A 243 12.11 -14.35 -35.20
C HIS A 243 11.45 -14.32 -33.84
N LEU A 244 12.05 -13.60 -32.90
CA LEU A 244 11.52 -13.43 -31.56
C LEU A 244 11.30 -11.93 -31.35
N ASP A 245 10.13 -11.44 -31.77
CA ASP A 245 9.81 -10.03 -31.60
C ASP A 245 9.47 -9.71 -30.15
N TYR A 246 9.96 -8.55 -29.69
CA TYR A 246 9.56 -7.96 -28.41
C TYR A 246 9.90 -8.85 -27.23
N VAL A 247 11.16 -9.26 -27.13
CA VAL A 247 11.65 -9.96 -25.95
C VAL A 247 11.82 -8.94 -24.83
N MET A 248 11.09 -9.14 -23.73
CA MET A 248 11.10 -8.17 -22.64
C MET A 248 12.38 -8.23 -21.81
N ASP A 249 12.89 -9.43 -21.55
CA ASP A 249 14.07 -9.57 -20.70
C ASP A 249 14.80 -10.86 -21.02
N ILE A 250 16.11 -10.87 -20.80
CA ILE A 250 16.91 -12.09 -20.85
C ILE A 250 17.64 -12.23 -19.53
N LEU A 251 17.95 -13.47 -19.16
CA LEU A 251 18.57 -13.76 -17.89
C LEU A 251 19.39 -15.03 -18.02
N VAL A 252 20.57 -15.04 -17.41
CA VAL A 252 21.45 -16.21 -17.38
C VAL A 252 21.17 -16.97 -16.08
N PHE A 253 20.73 -18.22 -16.21
CA PHE A 253 20.49 -19.10 -15.07
C PHE A 253 21.76 -19.90 -14.84
N HIS A 254 22.65 -19.37 -14.01
CA HIS A 254 23.89 -20.07 -13.68
C HIS A 254 24.40 -19.57 -12.33
N SER A 255 25.01 -20.48 -11.57
CA SER A 255 25.50 -20.15 -10.25
C SER A 255 26.60 -19.10 -10.27
N SER A 256 27.31 -18.96 -11.39
CA SER A 256 28.39 -17.97 -11.46
C SER A 256 27.85 -16.56 -11.34
N ARG A 257 26.58 -16.35 -11.72
CA ARG A 257 25.96 -15.03 -11.63
C ARG A 257 25.48 -14.71 -10.22
N GLN A 258 25.37 -15.71 -9.34
CA GLN A 258 24.93 -15.52 -7.95
C GLN A 258 25.94 -16.21 -7.03
N SER A 259 27.02 -15.50 -6.70
CA SER A 259 28.07 -16.05 -5.86
C SER A 259 28.41 -15.10 -4.72
N GLY A 260 29.48 -15.39 -4.00
CA GLY A 260 29.92 -14.51 -2.94
C GLY A 260 29.16 -14.73 -1.64
N TRP A 261 29.33 -13.79 -0.73
CA TRP A 261 28.80 -13.94 0.62
C TRP A 261 28.64 -12.58 1.26
N ASN A 262 27.77 -12.52 2.27
CA ASN A 262 27.66 -11.38 3.16
C ASN A 262 27.10 -11.88 4.49
N GLU A 263 26.96 -10.95 5.45
CA GLU A 263 26.55 -11.34 6.80
C GLU A 263 25.13 -11.89 6.82
N CYS A 264 24.25 -11.38 5.95
CA CYS A 264 22.87 -11.88 5.91
C CYS A 264 22.81 -13.35 5.53
N ALA A 265 23.73 -13.80 4.68
CA ALA A 265 23.70 -15.19 4.21
C ALA A 265 23.95 -16.17 5.36
N SER A 266 24.90 -15.87 6.26
CA SER A 266 25.22 -16.83 7.31
C SER A 266 24.21 -16.78 8.47
N SER A 267 23.68 -15.60 8.81
CA SER A 267 22.87 -15.48 10.01
C SER A 267 21.64 -14.59 9.86
N ASN A 268 21.34 -14.09 8.66
CA ASN A 268 20.28 -13.10 8.44
C ASN A 268 20.48 -11.87 9.32
N GLY A 269 21.68 -11.68 9.86
CA GLY A 269 21.97 -10.60 10.78
C GLY A 269 21.16 -10.70 12.06
N HIS A 270 20.56 -11.87 12.29
CA HIS A 270 19.61 -12.11 13.37
C HIS A 270 18.43 -11.16 13.34
N CYS A 271 18.25 -10.42 12.24
CA CYS A 271 17.15 -9.46 12.16
C CYS A 271 15.82 -10.17 12.21
N SER A 272 14.85 -9.55 12.86
CA SER A 272 13.51 -10.15 12.94
C SER A 272 12.85 -10.20 11.57
N HIS A 273 12.97 -9.12 10.78
CA HIS A 273 12.18 -9.00 9.54
C HIS A 273 13.05 -8.97 8.29
N LEU A 274 13.99 -8.02 8.19
CA LEU A 274 14.74 -7.84 6.95
C LEU A 274 16.22 -7.64 7.27
N CYS A 275 17.07 -8.37 6.55
CA CYS A 275 18.51 -8.13 6.56
C CYS A 275 18.88 -7.53 5.21
N LEU A 276 19.39 -6.30 5.22
CA LEU A 276 19.73 -5.57 4.01
C LEU A 276 21.24 -5.36 3.96
N ALA A 277 21.83 -5.66 2.81
CA ALA A 277 23.27 -5.47 2.64
C ALA A 277 23.60 -3.99 2.52
N VAL A 278 24.64 -3.56 3.22
CA VAL A 278 25.13 -2.19 3.11
C VAL A 278 26.64 -2.24 2.89
N PRO A 279 27.23 -1.24 2.22
CA PRO A 279 28.68 -1.31 1.95
C PRO A 279 29.54 -1.32 3.20
N VAL A 280 29.37 -0.34 4.09
CA VAL A 280 30.21 -0.21 5.28
C VAL A 280 29.45 -0.79 6.46
N GLY A 281 30.08 -1.74 7.16
CA GLY A 281 29.42 -2.47 8.21
C GLY A 281 28.73 -3.74 7.77
N GLY A 282 28.63 -3.98 6.47
CA GLY A 282 28.08 -5.23 5.95
C GLY A 282 26.57 -5.24 5.80
N PHE A 283 25.85 -4.99 6.89
CA PHE A 283 24.40 -5.12 6.89
C PHE A 283 23.77 -4.17 7.89
N VAL A 284 22.50 -3.86 7.65
CA VAL A 284 21.62 -3.24 8.64
C VAL A 284 20.33 -4.06 8.66
N CYS A 285 19.61 -3.96 9.77
CA CYS A 285 18.33 -4.64 9.89
C CYS A 285 17.22 -3.71 9.40
N GLY A 286 16.33 -4.26 8.58
CA GLY A 286 15.19 -3.53 8.05
C GLY A 286 13.88 -4.01 8.67
N CYS A 287 12.81 -3.29 8.32
CA CYS A 287 11.50 -3.50 8.89
C CYS A 287 10.46 -3.35 7.80
N PRO A 288 9.27 -3.93 7.98
CA PRO A 288 8.19 -3.69 7.02
C PRO A 288 7.81 -2.21 7.02
N ALA A 289 7.22 -1.78 5.91
CA ALA A 289 6.88 -0.37 5.74
C ALA A 289 6.06 0.12 6.93
N HIS A 290 6.46 1.29 7.46
CA HIS A 290 5.90 2.00 8.59
C HIS A 290 6.27 1.38 9.94
N TYR A 291 7.01 0.27 9.96
CA TYR A 291 7.45 -0.27 11.24
C TYR A 291 8.66 0.49 11.75
N SER A 292 8.95 0.33 13.03
CA SER A 292 10.08 0.98 13.69
C SER A 292 11.11 -0.07 14.09
N LEU A 293 12.37 0.21 13.78
CA LEU A 293 13.46 -0.62 14.29
C LEU A 293 13.70 -0.28 15.75
N ASN A 294 13.78 -1.30 16.59
CA ASN A 294 13.88 -1.09 18.03
C ASN A 294 15.31 -0.71 18.42
N ALA A 295 15.50 -0.46 19.72
CA ALA A 295 16.80 -0.06 20.23
C ALA A 295 17.87 -1.14 20.04
N ASP A 296 17.46 -2.41 19.92
CA ASP A 296 18.40 -3.49 19.67
C ASP A 296 18.84 -3.58 18.22
N ASN A 297 18.24 -2.79 17.32
CA ASN A 297 18.54 -2.81 15.89
C ASN A 297 18.34 -4.20 15.28
N ARG A 298 17.45 -4.99 15.86
CA ARG A 298 17.27 -6.36 15.42
C ARG A 298 15.80 -6.68 15.22
N THR A 299 14.94 -6.04 16.02
CA THR A 299 13.52 -6.33 16.03
C THR A 299 12.74 -5.09 15.63
N CYS A 300 11.53 -5.31 15.14
CA CYS A 300 10.71 -4.25 14.58
C CYS A 300 9.44 -4.10 15.40
N SER A 301 8.86 -2.91 15.33
CA SER A 301 7.62 -2.58 16.02
C SER A 301 6.66 -1.95 15.03
N ALA A 302 5.44 -2.45 15.00
CA ALA A 302 4.43 -1.90 14.11
C ALA A 302 4.00 -0.51 14.57
N PRO A 303 3.57 0.35 13.65
CA PRO A 303 3.08 1.67 14.06
C PRO A 303 1.82 1.54 14.88
N THR A 304 1.73 2.37 15.93
CA THR A 304 0.53 2.44 16.74
C THR A 304 -0.26 3.70 16.48
N THR A 305 0.32 4.65 15.76
CA THR A 305 -0.30 5.94 15.47
C THR A 305 -0.12 6.20 13.97
N PHE A 306 -1.23 6.22 13.24
CA PHE A 306 -1.18 6.31 11.79
C PHE A 306 -2.47 6.92 11.26
N LEU A 307 -2.52 7.12 9.96
CA LEU A 307 -3.68 7.63 9.25
C LEU A 307 -4.13 6.58 8.24
N LEU A 308 -5.42 6.24 8.27
CA LEU A 308 -6.02 5.34 7.29
C LEU A 308 -6.91 6.16 6.36
N PHE A 309 -6.77 5.93 5.05
CA PHE A 309 -7.72 6.50 4.10
C PHE A 309 -8.07 5.44 3.07
N SER A 310 -9.34 5.41 2.68
CA SER A 310 -9.86 4.37 1.82
C SER A 310 -10.34 4.95 0.50
N GLN A 311 -10.20 4.13 -0.55
CA GLN A 311 -10.79 4.39 -1.84
C GLN A 311 -11.90 3.38 -2.10
N LYS A 312 -12.45 3.41 -3.30
CA LYS A 312 -13.55 2.50 -3.63
C LYS A 312 -13.12 1.04 -3.46
N SER A 313 -11.89 0.70 -3.87
CA SER A 313 -11.42 -0.68 -3.83
C SER A 313 -10.07 -0.79 -3.13
N ALA A 314 -9.80 0.08 -2.16
CA ALA A 314 -8.53 0.03 -1.47
C ALA A 314 -8.65 0.77 -0.14
N ILE A 315 -7.91 0.27 0.85
CA ILE A 315 -7.72 0.97 2.11
C ILE A 315 -6.22 1.17 2.30
N ASN A 316 -5.81 2.42 2.46
CA ASN A 316 -4.40 2.75 2.58
C ASN A 316 -4.09 3.21 3.99
N ARG A 317 -2.81 3.13 4.34
CA ARG A 317 -2.30 3.61 5.61
C ARG A 317 -1.10 4.50 5.34
N MET A 318 -1.04 5.62 6.05
CA MET A 318 0.18 6.43 6.04
C MET A 318 0.47 6.87 7.46
N VAL A 319 1.74 7.15 7.70
CA VAL A 319 2.21 7.64 8.98
C VAL A 319 2.62 9.09 8.81
N ILE A 320 2.74 9.79 9.92
CA ILE A 320 3.23 11.17 9.93
C ILE A 320 4.58 11.16 10.63
N ASP A 321 5.61 11.17 9.82
CA ASP A 321 6.95 11.20 10.35
C ASP A 321 7.71 12.23 9.59
N GLU A 322 8.99 12.37 9.86
CA GLU A 322 9.78 13.37 9.18
C GLU A 322 10.66 12.86 8.04
N GLN A 323 10.73 11.54 7.83
CA GLN A 323 11.46 11.04 6.67
C GLN A 323 10.40 10.96 5.60
N GLN A 324 9.21 11.42 5.93
CA GLN A 324 8.09 11.42 5.02
C GLN A 324 7.79 10.08 4.41
N SER A 325 7.77 9.05 5.25
CA SER A 325 7.46 7.74 4.76
C SER A 325 6.25 7.70 3.79
N PRO A 326 6.30 6.86 2.72
CA PRO A 326 5.21 6.88 1.75
C PRO A 326 3.99 6.13 2.25
N ASP A 327 2.85 6.45 1.67
CA ASP A 327 1.62 5.72 1.91
C ASP A 327 1.69 4.36 1.22
N ILE A 328 1.05 3.36 1.83
CA ILE A 328 1.03 2.02 1.28
C ILE A 328 -0.42 1.55 1.20
N ILE A 329 -0.66 0.61 0.30
CA ILE A 329 -1.94 -0.07 0.21
C ILE A 329 -1.91 -1.28 1.14
N LEU A 330 -2.98 -1.47 1.90
CA LEU A 330 -3.06 -2.64 2.76
C LEU A 330 -3.45 -3.86 1.94
N PRO A 331 -2.75 -4.98 2.08
CA PRO A 331 -3.05 -6.15 1.25
C PRO A 331 -4.33 -6.86 1.67
N ILE A 332 -5.46 -6.20 1.45
CA ILE A 332 -6.78 -6.70 1.82
C ILE A 332 -7.50 -7.13 0.55
N HIS A 333 -7.99 -8.36 0.55
CA HIS A 333 -8.64 -8.93 -0.62
C HIS A 333 -10.14 -8.58 -0.65
N SER A 334 -10.75 -8.82 -1.81
CA SER A 334 -12.20 -8.78 -2.01
C SER A 334 -12.82 -7.42 -1.71
N LEU A 335 -12.04 -6.35 -1.72
CA LEU A 335 -12.62 -5.01 -1.58
C LEU A 335 -13.30 -4.62 -2.88
N ARG A 336 -14.59 -4.29 -2.82
CA ARG A 336 -15.34 -3.92 -4.01
C ARG A 336 -15.81 -2.47 -3.99
N ASN A 337 -16.57 -2.06 -2.97
CA ASN A 337 -16.97 -0.66 -2.80
C ASN A 337 -16.87 -0.32 -1.31
N VAL A 338 -15.69 0.12 -0.89
CA VAL A 338 -15.48 0.59 0.48
C VAL A 338 -16.02 2.02 0.58
N ARG A 339 -17.03 2.23 1.42
CA ARG A 339 -17.63 3.54 1.57
C ARG A 339 -17.42 4.16 2.94
N ALA A 340 -16.82 3.44 3.89
CA ALA A 340 -16.62 3.93 5.25
C ALA A 340 -15.69 2.96 5.97
N ILE A 341 -14.79 3.50 6.79
CA ILE A 341 -13.82 2.69 7.51
C ILE A 341 -13.76 3.13 8.97
N ASP A 342 -13.35 2.20 9.83
CA ASP A 342 -13.06 2.49 11.24
C ASP A 342 -11.99 1.51 11.70
N TYR A 343 -11.46 1.77 12.89
CA TYR A 343 -10.38 0.96 13.45
C TYR A 343 -10.60 0.77 14.94
N ASP A 344 -10.38 -0.46 15.41
CA ASP A 344 -10.43 -0.78 16.83
C ASP A 344 -9.02 -0.78 17.39
N PRO A 345 -8.66 0.19 18.24
CA PRO A 345 -7.27 0.23 18.75
C PRO A 345 -6.95 -0.85 19.78
N LEU A 346 -7.96 -1.50 20.36
CA LEU A 346 -7.69 -2.51 21.37
C LEU A 346 -7.16 -3.80 20.75
N ASP A 347 -7.95 -4.40 19.86
CA ASP A 347 -7.54 -5.63 19.19
C ASP A 347 -6.76 -5.35 17.90
N LYS A 348 -6.51 -4.09 17.58
CA LYS A 348 -5.77 -3.69 16.39
C LYS A 348 -6.36 -4.36 15.14
N GLN A 349 -7.62 -4.00 14.87
CA GLN A 349 -8.31 -4.54 13.72
C GLN A 349 -9.04 -3.49 12.91
N LEU A 350 -9.03 -3.66 11.60
CA LEU A 350 -9.57 -2.67 10.69
C LEU A 350 -11.00 -3.05 10.31
N TYR A 351 -11.90 -2.09 10.31
CA TYR A 351 -13.30 -2.28 9.98
C TYR A 351 -13.68 -1.40 8.81
N TRP A 352 -14.57 -1.90 7.96
CA TRP A 352 -15.05 -1.09 6.84
C TRP A 352 -16.42 -1.58 6.39
N ILE A 353 -17.16 -0.67 5.77
CA ILE A 353 -18.40 -0.98 5.08
C ILE A 353 -18.09 -1.18 3.61
N ASP A 354 -18.44 -2.35 3.08
CA ASP A 354 -18.46 -2.56 1.65
C ASP A 354 -19.92 -2.56 1.21
N SER A 355 -20.31 -1.53 0.46
CA SER A 355 -21.68 -1.37 0.04
C SER A 355 -22.00 -2.11 -1.26
N ARG A 356 -21.00 -2.77 -1.86
CA ARG A 356 -21.32 -3.73 -2.92
C ARG A 356 -21.87 -5.02 -2.32
N GLN A 357 -21.32 -5.45 -1.19
CA GLN A 357 -21.84 -6.60 -0.46
C GLN A 357 -22.88 -6.22 0.59
N ASN A 358 -23.04 -4.92 0.88
CA ASN A 358 -23.93 -4.46 1.94
C ASN A 358 -23.58 -5.14 3.26
N MET A 359 -22.31 -5.03 3.65
CA MET A 359 -21.80 -5.69 4.84
C MET A 359 -20.84 -4.77 5.58
N ILE A 360 -20.64 -5.06 6.86
CA ILE A 360 -19.51 -4.53 7.61
C ILE A 360 -18.50 -5.65 7.75
N ARG A 361 -17.32 -5.46 7.17
CA ARG A 361 -16.25 -6.43 7.26
C ARG A 361 -15.18 -5.94 8.22
N LYS A 362 -14.38 -6.89 8.70
CA LYS A 362 -13.24 -6.57 9.55
C LYS A 362 -12.10 -7.51 9.20
N ALA A 363 -10.88 -6.98 9.31
CA ALA A 363 -9.68 -7.76 9.06
C ALA A 363 -8.55 -7.11 9.82
N GLN A 364 -7.40 -7.78 9.82
CA GLN A 364 -6.18 -7.16 10.29
C GLN A 364 -5.50 -6.45 9.11
N GLU A 365 -4.48 -5.65 9.42
CA GLU A 365 -3.88 -4.82 8.39
C GLU A 365 -3.19 -5.66 7.32
N ASP A 366 -2.75 -6.87 7.67
CA ASP A 366 -2.21 -7.79 6.68
C ASP A 366 -3.30 -8.46 5.85
N GLY A 367 -4.57 -8.13 6.09
CA GLY A 367 -5.67 -8.76 5.39
C GLY A 367 -6.12 -10.09 5.97
N SER A 368 -5.54 -10.53 7.08
CA SER A 368 -5.90 -11.82 7.66
C SER A 368 -7.14 -11.69 8.54
N GLN A 369 -7.63 -12.84 9.02
CA GLN A 369 -8.77 -12.91 9.94
C GLN A 369 -9.98 -12.12 9.43
N GLY A 370 -10.24 -12.24 8.12
CA GLY A 370 -11.40 -11.61 7.52
C GLY A 370 -12.69 -12.11 8.12
N PHE A 371 -13.51 -11.20 8.63
CA PHE A 371 -14.74 -11.55 9.32
C PHE A 371 -15.85 -10.63 8.87
N THR A 372 -17.04 -11.20 8.69
CA THR A 372 -18.23 -10.43 8.35
C THR A 372 -19.02 -10.18 9.64
N VAL A 373 -19.09 -8.91 10.04
CA VAL A 373 -19.77 -8.55 11.28
C VAL A 373 -21.26 -8.34 11.05
N VAL A 374 -21.62 -7.69 9.95
CA VAL A 374 -23.01 -7.49 9.56
C VAL A 374 -23.18 -7.98 8.13
N VAL A 375 -24.24 -8.76 7.89
CA VAL A 375 -24.55 -9.30 6.57
C VAL A 375 -26.06 -9.32 6.38
N SER A 376 -26.48 -9.26 5.11
CA SER A 376 -27.88 -9.26 4.65
C SER A 376 -28.96 -9.31 5.73
N GLU A 384 -32.83 -6.64 4.04
CA GLU A 384 -32.68 -5.30 3.51
C GLU A 384 -31.69 -4.54 4.34
N ILE A 385 -30.44 -4.94 4.26
CA ILE A 385 -29.40 -4.28 5.04
C ILE A 385 -28.53 -3.47 4.08
N GLN A 386 -28.38 -2.18 4.38
CA GLN A 386 -27.61 -1.26 3.57
C GLN A 386 -26.82 -0.33 4.48
N PRO A 387 -25.73 -0.82 5.08
CA PRO A 387 -24.91 0.03 5.94
C PRO A 387 -24.36 1.22 5.18
N TYR A 388 -24.53 2.40 5.76
CA TYR A 388 -24.08 3.64 5.16
C TYR A 388 -22.85 4.21 5.87
N ASP A 389 -22.84 4.23 7.19
CA ASP A 389 -21.70 4.71 7.95
C ASP A 389 -21.60 3.92 9.24
N LEU A 390 -20.42 4.00 9.88
CA LEU A 390 -20.16 3.23 11.09
C LEU A 390 -19.22 4.01 11.98
N SER A 391 -19.30 3.71 13.27
CA SER A 391 -18.45 4.33 14.28
C SER A 391 -18.35 3.38 15.46
N ILE A 392 -17.13 3.05 15.86
CA ILE A 392 -16.91 2.03 16.87
C ILE A 392 -16.88 2.66 18.26
N ASP A 393 -17.67 2.10 19.17
CA ASP A 393 -17.55 2.36 20.60
C ASP A 393 -16.49 1.39 21.13
N ILE A 394 -15.27 1.90 21.35
CA ILE A 394 -14.15 1.02 21.68
C ILE A 394 -14.22 0.50 23.11
N TYR A 395 -14.98 1.15 23.99
CA TYR A 395 -15.04 0.70 25.36
C TYR A 395 -16.06 -0.42 25.53
N SER A 396 -17.26 -0.21 25.01
CA SER A 396 -18.29 -1.24 25.10
C SER A 396 -18.16 -2.29 24.00
N ARG A 397 -17.21 -2.14 23.08
CA ARG A 397 -16.97 -3.09 22.00
C ARG A 397 -18.21 -3.25 21.12
N TYR A 398 -18.79 -2.13 20.73
CA TYR A 398 -19.92 -2.11 19.81
C TYR A 398 -19.62 -1.27 18.59
N ILE A 399 -20.28 -1.61 17.49
CA ILE A 399 -20.36 -0.76 16.31
C ILE A 399 -21.73 -0.09 16.32
N TYR A 400 -21.74 1.23 16.21
CA TYR A 400 -22.95 1.97 15.93
C TYR A 400 -22.92 2.29 14.45
N TRP A 401 -23.92 1.83 13.72
CA TRP A 401 -23.91 2.01 12.28
C TRP A 401 -25.29 2.39 11.79
N THR A 402 -25.32 3.15 10.70
CA THR A 402 -26.55 3.63 10.09
C THR A 402 -26.96 2.76 8.92
N GLU A 404 -29.17 2.65 5.45
CA GLU A 404 -29.84 3.49 4.44
C GLU A 404 -31.18 2.91 3.98
N ALA A 405 -31.35 1.59 4.12
CA ALA A 405 -32.59 0.96 3.66
C ALA A 405 -33.70 1.10 4.69
N THR A 406 -33.44 0.71 5.94
CA THR A 406 -34.45 0.79 6.99
C THR A 406 -34.44 2.11 7.74
N ASN A 407 -33.46 2.99 7.46
CA ASN A 407 -33.34 4.30 8.11
C ASN A 407 -33.36 4.18 9.63
N VAL A 408 -32.43 3.37 10.14
CA VAL A 408 -32.27 3.15 11.56
C VAL A 408 -30.80 3.33 11.92
N ILE A 409 -30.55 3.46 13.22
CA ILE A 409 -29.21 3.35 13.78
C ILE A 409 -29.18 2.04 14.54
N ASN A 410 -28.36 1.11 14.09
CA ASN A 410 -28.29 -0.24 14.61
C ASN A 410 -26.98 -0.41 15.37
N VAL A 411 -27.00 -1.27 16.39
CA VAL A 411 -25.81 -1.52 17.20
C VAL A 411 -25.50 -3.00 17.18
N THR A 412 -24.25 -3.33 16.81
CA THR A 412 -23.77 -4.69 16.75
C THR A 412 -22.42 -4.77 17.46
N ARG A 413 -22.20 -5.85 18.20
CA ARG A 413 -20.89 -6.05 18.81
C ARG A 413 -19.87 -6.43 17.74
N LEU A 414 -18.59 -6.21 18.05
CA LEU A 414 -17.52 -6.47 17.09
C LEU A 414 -17.46 -7.92 16.62
N ASP A 415 -18.03 -8.86 17.38
CA ASP A 415 -18.04 -10.25 16.95
C ASP A 415 -19.28 -10.61 16.14
N GLY A 416 -20.22 -9.68 15.97
CA GLY A 416 -21.38 -9.88 15.12
C GLY A 416 -22.70 -10.05 15.85
N ARG A 417 -22.68 -10.35 17.15
CA ARG A 417 -23.94 -10.48 17.87
C ARG A 417 -24.67 -9.14 17.92
N SER A 418 -25.97 -9.17 17.61
CA SER A 418 -26.74 -7.96 17.46
C SER A 418 -27.17 -7.44 18.82
N VAL A 419 -26.96 -6.13 19.05
CA VAL A 419 -27.45 -5.50 20.26
C VAL A 419 -28.87 -5.03 20.00
N GLY A 420 -29.05 -4.18 18.98
CA GLY A 420 -30.37 -3.76 18.58
C GLY A 420 -30.35 -2.38 17.95
N VAL A 421 -31.55 -1.86 17.70
CA VAL A 421 -31.73 -0.54 17.11
C VAL A 421 -31.92 0.47 18.24
N VAL A 422 -31.21 1.59 18.16
CA VAL A 422 -31.37 2.67 19.13
C VAL A 422 -32.03 3.90 18.54
N LEU A 423 -32.30 3.92 17.24
CA LEU A 423 -33.01 5.04 16.61
C LEU A 423 -33.77 4.55 15.40
N LYS A 424 -35.08 4.75 15.40
CA LYS A 424 -35.94 4.54 14.24
C LYS A 424 -36.86 5.74 14.14
N GLY A 425 -37.32 6.02 12.92
CA GLY A 425 -38.19 7.16 12.73
C GLY A 425 -38.75 7.25 11.33
N GLU A 426 -40.05 7.58 11.23
CA GLU A 426 -40.72 7.69 9.94
C GLU A 426 -39.91 8.52 8.96
N GLN A 427 -39.68 9.76 9.31
CA GLN A 427 -39.02 10.65 8.39
C GLN A 427 -37.55 10.85 8.69
N ASP A 428 -36.99 10.00 9.51
CA ASP A 428 -35.57 10.08 9.80
C ASP A 428 -34.75 9.45 8.69
N ARG A 429 -33.64 10.12 8.34
CA ARG A 429 -32.67 9.62 7.36
C ARG A 429 -31.29 9.71 7.99
N PRO A 430 -30.96 8.81 8.92
CA PRO A 430 -29.67 8.89 9.63
C PRO A 430 -28.56 8.36 8.75
N ARG A 431 -27.54 9.20 8.48
CA ARG A 431 -26.49 8.81 7.55
C ARG A 431 -25.11 8.77 8.19
N ALA A 432 -24.54 9.91 8.60
CA ALA A 432 -23.20 9.90 9.17
C ALA A 432 -23.31 9.80 10.68
N ILE A 433 -22.28 9.25 11.32
CA ILE A 433 -22.39 8.95 12.74
C ILE A 433 -21.00 8.89 13.36
N VAL A 434 -20.87 9.50 14.54
CA VAL A 434 -19.69 9.38 15.39
C VAL A 434 -20.16 9.18 16.82
N VAL A 435 -19.60 8.20 17.50
CA VAL A 435 -19.95 7.98 18.90
C VAL A 435 -19.00 8.75 19.78
N ASN A 436 -19.50 9.11 20.97
CA ASN A 436 -18.69 9.74 22.02
C ASN A 436 -18.96 8.98 23.32
N PRO A 437 -18.43 7.77 23.46
CA PRO A 437 -18.68 6.98 24.68
C PRO A 437 -18.15 7.63 25.94
N GLU A 438 -17.15 8.50 25.82
CA GLU A 438 -16.62 9.20 26.99
C GLU A 438 -17.70 10.03 27.67
N LYS A 439 -18.57 10.67 26.88
CA LYS A 439 -19.66 11.46 27.42
C LYS A 439 -21.02 10.80 27.28
N GLY A 440 -21.09 9.61 26.66
CA GLY A 440 -22.33 8.87 26.57
C GLY A 440 -23.30 9.32 25.50
N TYR A 441 -22.81 9.98 24.44
CA TYR A 441 -23.67 10.53 23.40
C TYR A 441 -23.16 10.08 22.03
N MET A 442 -24.04 10.16 21.03
CA MET A 442 -23.67 9.94 19.65
C MET A 442 -24.13 11.14 18.82
N TYR A 443 -23.45 11.34 17.70
CA TYR A 443 -23.74 12.45 16.81
C TYR A 443 -23.98 11.89 15.41
N PHE A 444 -25.04 12.37 14.76
CA PHE A 444 -25.37 11.87 13.43
C PHE A 444 -26.00 12.96 12.60
N THR A 445 -25.93 12.78 11.28
CA THR A 445 -26.59 13.67 10.33
C THR A 445 -27.92 13.06 9.92
N ASN A 446 -28.92 13.92 9.77
CA ASN A 446 -30.25 13.52 9.32
C ASN A 446 -30.47 14.15 7.95
N LEU A 447 -30.33 13.35 6.90
CA LEU A 447 -30.46 13.87 5.54
C LEU A 447 -31.90 13.77 5.06
N GLN A 448 -32.79 14.37 5.85
CA GLN A 448 -34.15 14.56 5.38
C GLN A 448 -34.15 15.49 4.17
N GLU A 449 -34.90 15.12 3.14
CA GLU A 449 -34.97 15.97 1.96
C GLU A 449 -35.55 17.34 2.33
N ARG A 450 -34.88 18.39 1.85
CA ARG A 450 -35.23 19.78 2.11
C ARG A 450 -35.00 20.20 3.55
N SER A 451 -34.46 19.32 4.40
CA SER A 451 -34.07 19.77 5.73
C SER A 451 -32.96 18.92 6.32
N PRO A 452 -31.72 19.05 5.83
CA PRO A 452 -30.61 18.34 6.48
C PRO A 452 -30.40 18.82 7.92
N LYS A 453 -29.97 17.90 8.78
CA LYS A 453 -29.77 18.21 10.19
C LYS A 453 -28.54 17.50 10.71
N ILE A 454 -27.92 18.10 11.72
CA ILE A 454 -26.93 17.43 12.55
C ILE A 454 -27.52 17.30 13.94
N GLU A 455 -27.59 16.07 14.44
CA GLU A 455 -28.31 15.78 15.66
C GLU A 455 -27.41 15.08 16.68
N ARG A 456 -27.83 15.18 17.93
CA ARG A 456 -27.19 14.50 19.04
C ARG A 456 -28.22 13.66 19.77
N ALA A 457 -27.78 12.52 20.29
CA ALA A 457 -28.60 11.70 21.16
C ALA A 457 -27.68 10.88 22.07
N ALA A 458 -28.26 10.36 23.14
CA ALA A 458 -27.52 9.43 23.98
C ALA A 458 -27.33 8.11 23.22
N LEU A 459 -26.40 7.29 23.72
CA LEU A 459 -26.11 6.04 23.00
C LEU A 459 -27.23 5.02 23.11
N ASP A 460 -28.39 5.36 23.68
CA ASP A 460 -29.55 4.49 23.65
C ASP A 460 -30.72 5.09 22.89
N GLY A 461 -30.54 6.26 22.27
CA GLY A 461 -31.59 6.94 21.55
C GLY A 461 -32.30 8.05 22.32
N THR A 462 -32.25 8.01 23.64
CA THR A 462 -32.89 9.05 24.42
C THR A 462 -32.07 10.34 24.34
N GLU A 463 -32.66 11.43 24.87
CA GLU A 463 -32.03 12.75 24.88
C GLU A 463 -31.66 13.22 23.48
N ARG A 464 -32.61 13.03 22.56
CA ARG A 464 -32.39 13.34 21.16
C ARG A 464 -32.69 14.81 20.91
N GLU A 465 -31.74 15.53 20.31
CA GLU A 465 -31.93 16.95 20.01
C GLU A 465 -31.23 17.29 18.71
N VAL A 466 -31.78 18.28 18.01
CA VAL A 466 -31.21 18.79 16.77
C VAL A 466 -30.24 19.91 17.10
N LEU A 467 -28.96 19.70 16.79
CA LEU A 467 -27.97 20.74 17.06
C LEU A 467 -27.95 21.79 15.96
N PHE A 468 -28.04 21.36 14.70
CA PHE A 468 -27.97 22.29 13.58
C PHE A 468 -28.96 21.89 12.51
N PHE A 469 -29.67 22.88 11.97
CA PHE A 469 -30.71 22.66 10.99
C PHE A 469 -30.66 23.72 9.88
N SER A 470 -29.60 24.51 9.82
CA SER A 470 -29.48 25.59 8.85
C SER A 470 -28.03 25.65 8.40
N GLY A 471 -27.81 26.25 7.23
CA GLY A 471 -26.46 26.29 6.70
C GLY A 471 -25.93 24.91 6.41
N LEU A 472 -26.80 24.01 5.98
CA LEU A 472 -26.43 22.65 5.62
C LEU A 472 -27.10 22.28 4.31
N SER A 473 -26.36 21.61 3.44
CA SER A 473 -26.98 21.01 2.27
C SER A 473 -26.80 19.50 2.25
N LYS A 474 -25.58 19.01 2.38
CA LYS A 474 -25.30 17.57 2.45
C LYS A 474 -24.18 17.31 3.43
N PRO A 475 -24.47 17.38 4.74
CA PRO A 475 -23.47 16.97 5.73
C PRO A 475 -23.30 15.46 5.70
N ILE A 476 -22.19 15.00 5.10
CA ILE A 476 -22.01 13.58 4.84
C ILE A 476 -20.89 12.97 5.66
N ALA A 477 -20.12 13.76 6.41
CA ALA A 477 -19.01 13.24 7.19
C ALA A 477 -18.95 13.96 8.53
N LEU A 478 -18.65 13.20 9.58
CA LEU A 478 -18.65 13.70 10.94
C LEU A 478 -17.38 13.24 11.64
N ALA A 479 -16.84 14.11 12.48
CA ALA A 479 -15.74 13.74 13.36
C ALA A 479 -15.90 14.50 14.66
N LEU A 480 -15.28 13.96 15.72
CA LEU A 480 -15.36 14.60 17.02
C LEU A 480 -14.07 14.35 17.78
N ASP A 481 -13.84 15.17 18.79
CA ASP A 481 -12.70 14.98 19.69
C ASP A 481 -13.17 15.26 21.11
N SER A 482 -13.13 14.25 21.97
CA SER A 482 -13.70 14.40 23.30
C SER A 482 -12.86 15.32 24.19
N ARG A 483 -11.54 15.32 24.05
CA ARG A 483 -10.71 16.16 24.90
C ARG A 483 -10.97 17.64 24.66
N LEU A 484 -10.98 18.07 23.39
CA LEU A 484 -11.32 19.46 23.08
C LEU A 484 -12.82 19.73 23.15
N GLY A 485 -13.65 18.70 23.25
CA GLY A 485 -15.10 18.90 23.25
C GLY A 485 -15.61 19.52 21.96
N LYS A 486 -15.06 19.12 20.83
CA LYS A 486 -15.37 19.72 19.55
C LYS A 486 -15.94 18.68 18.59
N LEU A 487 -16.91 19.12 17.80
CA LEU A 487 -17.53 18.31 16.76
C LEU A 487 -17.16 18.92 15.41
N PHE A 488 -16.91 18.06 14.43
CA PHE A 488 -16.51 18.49 13.10
C PHE A 488 -17.36 17.82 12.04
N TRP A 489 -17.63 18.55 10.96
CA TRP A 489 -18.36 17.97 9.84
C TRP A 489 -17.95 18.67 8.55
N ALA A 490 -18.19 17.97 7.45
CA ALA A 490 -17.93 18.47 6.10
C ALA A 490 -19.22 18.42 5.31
N ASP A 491 -19.52 19.51 4.59
CA ASP A 491 -20.70 19.59 3.74
C ASP A 491 -20.24 19.47 2.30
N SER A 492 -20.62 18.36 1.65
CA SER A 492 -20.14 18.11 0.29
C SER A 492 -20.76 19.06 -0.72
N ASP A 493 -21.98 19.53 -0.47
CA ASP A 493 -22.61 20.47 -1.38
C ASP A 493 -22.16 21.91 -1.10
N LEU A 494 -22.10 22.30 0.17
CA LEU A 494 -21.58 23.61 0.52
C LEU A 494 -20.07 23.70 0.38
N ARG A 495 -19.40 22.58 0.16
CA ARG A 495 -17.95 22.53 -0.09
C ARG A 495 -17.19 23.23 1.02
N ARG A 496 -17.50 22.88 2.27
CA ARG A 496 -16.84 23.51 3.40
C ARG A 496 -16.79 22.55 4.58
N ILE A 497 -15.94 22.89 5.54
CA ILE A 497 -15.77 22.15 6.79
C ILE A 497 -16.08 23.09 7.95
N GLU A 498 -16.89 22.61 8.89
CA GLU A 498 -17.29 23.41 10.03
C GLU A 498 -16.91 22.70 11.32
N SER A 499 -17.07 23.42 12.43
CA SER A 499 -16.88 22.83 13.74
C SER A 499 -17.76 23.55 14.75
N SER A 500 -17.93 22.90 15.90
CA SER A 500 -18.69 23.48 16.99
C SER A 500 -18.33 22.73 18.26
N ASP A 501 -18.70 23.31 19.40
CA ASP A 501 -18.67 22.57 20.64
C ASP A 501 -19.63 21.39 20.56
N LEU A 502 -19.31 20.34 21.32
CA LEU A 502 -20.22 19.20 21.39
C LEU A 502 -21.60 19.58 21.91
N SER A 503 -21.69 20.69 22.65
CA SER A 503 -22.98 21.21 23.08
C SER A 503 -23.74 21.91 21.96
N GLY A 504 -23.09 22.20 20.84
CA GLY A 504 -23.72 22.93 19.76
C GLY A 504 -23.44 24.41 19.75
N ALA A 505 -22.71 24.93 20.74
CA ALA A 505 -22.33 26.33 20.74
C ALA A 505 -21.09 26.53 19.86
N ASN A 506 -20.83 27.80 19.54
CA ASN A 506 -19.61 28.21 18.85
C ASN A 506 -19.45 27.52 17.49
N ARG A 507 -20.55 27.47 16.74
CA ARG A 507 -20.45 26.99 15.37
C ARG A 507 -19.59 27.95 14.56
N ILE A 508 -18.64 27.39 13.81
CA ILE A 508 -17.69 28.21 13.05
C ILE A 508 -17.30 27.43 11.80
N VAL A 509 -17.08 28.17 10.72
CA VAL A 509 -16.62 27.59 9.46
C VAL A 509 -15.10 27.52 9.50
N LEU A 510 -14.55 26.30 9.41
CA LEU A 510 -13.10 26.15 9.45
C LEU A 510 -12.48 26.43 8.09
N GLU A 511 -13.01 25.83 7.03
CA GLU A 511 -12.43 25.94 5.71
C GLU A 511 -13.52 25.88 4.67
N ASP A 512 -13.55 26.85 3.75
CA ASP A 512 -14.51 26.83 2.66
C ASP A 512 -13.91 27.24 1.32
N SER A 513 -12.59 27.37 1.22
CA SER A 513 -11.93 27.82 0.00
C SER A 513 -11.22 26.66 -0.68
N ASN A 514 -11.33 26.62 -2.00
CA ASN A 514 -10.62 25.63 -2.84
C ASN A 514 -10.88 24.20 -2.36
N ILE A 515 -12.14 23.92 -2.02
CA ILE A 515 -12.59 22.58 -1.71
C ILE A 515 -13.66 22.21 -2.73
N LEU A 516 -13.46 21.09 -3.42
CA LEU A 516 -14.36 20.69 -4.50
C LEU A 516 -15.49 19.80 -4.01
N GLN A 517 -15.17 18.74 -3.26
CA GLN A 517 -16.17 17.82 -2.77
C GLN A 517 -15.65 17.06 -1.55
N PRO A 518 -15.77 17.62 -0.35
CA PRO A 518 -15.29 16.91 0.84
C PRO A 518 -16.24 15.78 1.20
N VAL A 519 -15.71 14.58 1.36
CA VAL A 519 -16.54 13.40 1.57
C VAL A 519 -16.08 12.64 2.81
N GLY A 520 -15.12 13.21 3.54
CA GLY A 520 -14.67 12.59 4.78
C GLY A 520 -13.69 13.48 5.50
N LEU A 521 -13.58 13.24 6.80
CA LEU A 521 -12.65 14.03 7.61
C LEU A 521 -12.34 13.27 8.89
N THR A 522 -11.24 13.67 9.52
CA THR A 522 -10.76 13.01 10.73
C THR A 522 -9.84 13.97 11.47
N VAL A 523 -9.64 13.69 12.75
CA VAL A 523 -8.87 14.57 13.63
C VAL A 523 -7.64 13.82 14.12
N PHE A 524 -6.47 14.42 13.96
CA PHE A 524 -5.24 13.85 14.52
C PHE A 524 -4.58 14.88 15.38
N GLU A 525 -4.73 14.76 16.68
CA GLU A 525 -4.24 15.71 17.66
C GLU A 525 -4.75 17.12 17.37
N ASN A 526 -3.85 18.01 16.96
CA ASN A 526 -4.23 19.37 16.61
C ASN A 526 -4.53 19.55 15.13
N TRP A 527 -4.47 18.48 14.34
CA TRP A 527 -4.66 18.54 12.91
C TRP A 527 -6.01 17.94 12.52
N LEU A 528 -6.70 18.62 11.62
CA LEU A 528 -7.92 18.10 11.00
C LEU A 528 -7.60 17.76 9.56
N TYR A 529 -7.80 16.50 9.19
CA TYR A 529 -7.60 16.01 7.84
C TYR A 529 -8.96 15.87 7.15
N TRP A 530 -8.97 16.12 5.84
CA TRP A 530 -10.14 15.79 5.04
C TRP A 530 -9.69 15.34 3.66
N ILE A 531 -10.58 14.60 3.00
CA ILE A 531 -10.36 14.12 1.64
C ILE A 531 -11.30 14.86 0.71
N ASP A 532 -10.76 15.35 -0.40
CA ASP A 532 -11.54 16.00 -1.45
C ASP A 532 -11.61 15.01 -2.62
N LYS A 533 -12.77 14.38 -2.80
CA LYS A 533 -12.89 13.35 -3.81
C LYS A 533 -12.66 13.91 -5.22
N GLN A 534 -13.37 14.96 -5.60
CA GLN A 534 -13.21 15.56 -6.92
C GLN A 534 -11.84 16.13 -7.14
N GLN A 535 -11.28 16.77 -6.13
CA GLN A 535 -9.92 17.26 -6.26
C GLN A 535 -8.89 16.16 -6.06
N GLN A 536 -9.29 14.99 -5.59
CA GLN A 536 -8.42 13.80 -5.49
C GLN A 536 -7.25 14.00 -4.55
N MET A 537 -7.41 14.81 -3.49
CA MET A 537 -6.30 15.06 -2.58
C MET A 537 -6.74 14.93 -1.12
N ILE A 538 -5.74 14.73 -0.26
CA ILE A 538 -5.89 14.82 1.19
C ILE A 538 -5.28 16.14 1.64
N GLU A 539 -5.99 16.88 2.49
CA GLU A 539 -5.49 18.12 3.04
C GLU A 539 -5.66 18.12 4.55
N LYS A 540 -4.86 18.94 5.22
CA LYS A 540 -4.97 19.10 6.66
C LYS A 540 -4.85 20.57 7.02
N ILE A 541 -5.46 20.94 8.16
CA ILE A 541 -5.34 22.28 8.72
C ILE A 541 -4.96 22.15 10.19
N ASP A 542 -4.05 23.02 10.63
CA ASP A 542 -3.70 23.11 12.03
C ASP A 542 -4.81 23.85 12.78
N MET A 543 -5.50 23.16 13.68
CA MET A 543 -6.60 23.78 14.40
C MET A 543 -6.11 24.81 15.41
N THR A 544 -4.85 24.75 15.83
CA THR A 544 -4.30 25.83 16.65
C THR A 544 -4.08 27.10 15.86
N GLY A 545 -4.13 27.04 14.53
CA GLY A 545 -3.86 28.18 13.70
C GLY A 545 -2.39 28.45 13.43
N ARG A 546 -1.48 27.68 14.04
CA ARG A 546 -0.06 27.96 13.91
C ARG A 546 0.43 27.73 12.48
N GLU A 547 0.33 26.49 12.02
CA GLU A 547 0.79 26.12 10.69
C GLU A 547 -0.35 26.23 9.68
N GLY A 548 0.03 26.42 8.41
CA GLY A 548 -0.95 26.70 7.38
C GLY A 548 -1.61 25.45 6.84
N ARG A 549 -2.61 25.67 5.98
CA ARG A 549 -3.26 24.58 5.29
C ARG A 549 -2.26 23.87 4.39
N THR A 550 -2.13 22.56 4.56
CA THR A 550 -1.09 21.78 3.89
C THR A 550 -1.74 20.71 3.02
N LYS A 551 -1.26 20.60 1.78
CA LYS A 551 -1.64 19.48 0.91
C LYS A 551 -0.86 18.25 1.36
N VAL A 552 -1.57 17.19 1.68
CA VAL A 552 -0.94 15.99 2.23
C VAL A 552 -0.55 15.01 1.14
N GLN A 553 -1.48 14.74 0.21
CA GLN A 553 -1.20 13.89 -0.94
C GLN A 553 -2.25 14.21 -2.01
N ALA A 554 -1.84 14.12 -3.26
CA ALA A 554 -2.72 14.40 -4.39
C ALA A 554 -2.80 13.19 -5.31
N ARG A 555 -3.63 13.32 -6.35
CA ARG A 555 -3.79 12.29 -7.38
C ARG A 555 -4.23 10.95 -6.78
N ILE A 556 -5.11 11.01 -5.78
CA ILE A 556 -5.74 9.83 -5.20
C ILE A 556 -7.17 9.76 -5.72
N ALA A 557 -7.46 8.77 -6.55
CA ALA A 557 -8.77 8.64 -7.17
C ALA A 557 -9.73 7.85 -6.30
N GLN A 558 -11.00 8.03 -6.55
CA GLN A 558 -12.04 7.30 -5.85
C GLN A 558 -11.97 7.36 -4.34
N LEU A 559 -11.65 8.52 -3.82
CA LEU A 559 -11.53 8.65 -2.38
C LEU A 559 -12.88 8.40 -1.70
N SER A 560 -12.85 7.71 -0.56
CA SER A 560 -14.09 7.31 0.10
C SER A 560 -14.16 7.67 1.59
N ASP A 561 -13.06 7.54 2.32
CA ASP A 561 -13.07 7.82 3.76
C ASP A 561 -11.65 8.09 4.22
N ILE A 562 -11.55 8.68 5.41
CA ILE A 562 -10.26 8.94 6.05
C ILE A 562 -10.46 8.88 7.55
N HIS A 563 -9.49 8.30 8.25
CA HIS A 563 -9.65 7.97 9.67
C HIS A 563 -8.29 7.91 10.34
N ALA A 564 -8.10 8.74 11.35
CA ALA A 564 -6.87 8.75 12.12
C ALA A 564 -6.97 7.77 13.28
N VAL A 565 -5.84 7.15 13.60
CA VAL A 565 -5.75 6.22 14.72
C VAL A 565 -4.61 6.66 15.61
N LYS A 566 -4.91 6.96 16.86
CA LYS A 566 -3.89 7.25 17.86
C LYS A 566 -3.67 6.02 18.72
N GLU A 567 -2.42 5.80 19.12
CA GLU A 567 -2.12 4.68 19.99
C GLU A 567 -2.99 4.72 21.24
N LEU A 568 -3.65 3.60 21.53
CA LEU A 568 -4.53 3.54 22.68
C LEU A 568 -3.72 3.49 23.96
N ASN A 569 -4.07 4.37 24.92
CA ASN A 569 -3.46 4.37 26.24
C ASN A 569 -4.26 3.42 27.12
N LEU A 570 -3.70 2.23 27.38
CA LEU A 570 -4.47 1.19 28.05
C LEU A 570 -4.85 1.58 29.47
N GLN A 571 -3.98 2.30 30.18
CA GLN A 571 -4.32 2.79 31.51
C GLN A 571 -5.55 3.71 31.46
N GLU A 572 -5.55 4.65 30.50
CA GLU A 572 -6.71 5.50 30.32
C GLU A 572 -7.92 4.68 29.86
N TYR A 573 -7.70 3.69 29.01
CA TYR A 573 -8.80 2.89 28.47
C TYR A 573 -9.57 2.17 29.58
N ARG A 574 -8.84 1.43 30.43
CA ARG A 574 -9.51 0.68 31.50
C ARG A 574 -10.08 1.58 32.58
N GLN A 575 -9.84 2.87 32.51
CA GLN A 575 -10.44 3.77 33.45
C GLN A 575 -11.87 4.08 33.05
N HIS A 576 -12.25 3.81 31.80
CA HIS A 576 -13.64 3.96 31.39
C HIS A 576 -14.50 2.92 32.10
N PRO A 577 -15.65 3.34 32.68
CA PRO A 577 -16.41 2.34 33.39
C PRO A 577 -17.08 1.28 32.55
N CYS A 578 -17.25 1.52 31.27
CA CYS A 578 -17.97 0.57 30.45
C CYS A 578 -17.02 -0.36 29.75
N ALA A 579 -15.72 -0.23 30.01
CA ALA A 579 -14.77 -1.15 29.44
C ALA A 579 -14.62 -2.43 30.25
N GLN A 580 -15.07 -2.44 31.50
CA GLN A 580 -14.98 -3.62 32.37
C GLN A 580 -16.36 -4.28 32.40
N ASP A 581 -16.50 -5.36 31.68
CA ASP A 581 -17.76 -6.08 31.63
C ASP A 581 -18.94 -5.19 31.34
N ASN A 582 -18.77 -4.23 30.44
CA ASN A 582 -19.82 -3.31 30.04
C ASN A 582 -20.47 -2.62 31.25
N GLY A 583 -19.75 -2.57 32.35
CA GLY A 583 -20.33 -2.02 33.56
C GLY A 583 -21.42 -2.90 34.06
N GLY A 584 -21.35 -4.18 33.75
CA GLY A 584 -22.37 -5.13 34.13
C GLY A 584 -23.65 -5.06 33.33
N CYS A 585 -23.72 -4.14 32.39
CA CYS A 585 -24.91 -3.97 31.60
C CYS A 585 -25.07 -5.04 30.52
N SER A 586 -26.28 -5.55 30.33
CA SER A 586 -26.51 -6.57 29.32
C SER A 586 -26.29 -6.00 27.92
N HIS A 587 -26.89 -4.84 27.62
CA HIS A 587 -26.81 -4.31 26.26
C HIS A 587 -26.07 -2.98 26.16
N ILE A 588 -26.53 -1.93 26.80
CA ILE A 588 -25.98 -0.59 26.58
C ILE A 588 -25.49 -0.02 27.91
N CYS A 589 -24.22 0.31 27.96
CA CYS A 589 -23.66 0.96 29.15
C CYS A 589 -23.52 2.44 28.84
N LEU A 590 -24.05 3.28 29.72
CA LEU A 590 -24.00 4.69 29.49
C LEU A 590 -23.28 5.46 30.56
N VAL A 591 -22.64 6.53 30.15
CA VAL A 591 -21.94 7.42 31.07
C VAL A 591 -22.82 8.64 31.28
N LYS A 592 -22.96 9.07 32.53
CA LYS A 592 -23.70 10.28 32.85
C LYS A 592 -22.73 11.35 33.33
N GLY A 593 -23.28 12.54 33.59
CA GLY A 593 -22.45 13.64 34.07
C GLY A 593 -21.76 13.33 35.38
N ASP A 594 -22.29 12.39 36.13
CA ASP A 594 -21.70 12.02 37.40
C ASP A 594 -20.53 11.08 37.21
N GLY A 595 -20.27 10.72 35.97
CA GLY A 595 -19.17 9.81 35.68
C GLY A 595 -19.56 8.39 36.02
N THR A 596 -20.76 8.23 36.54
CA THR A 596 -21.25 6.90 36.89
C THR A 596 -21.83 6.13 35.72
N THR A 597 -22.09 4.84 35.93
CA THR A 597 -22.60 4.00 34.88
C THR A 597 -24.06 3.66 35.05
N ARG A 598 -24.80 3.67 33.95
CA ARG A 598 -26.18 3.28 33.99
C ARG A 598 -26.34 2.34 32.83
N CYS A 599 -27.31 1.47 32.89
CA CYS A 599 -27.56 0.59 31.79
C CYS A 599 -28.86 0.91 31.07
N SER A 600 -28.89 0.73 29.76
CA SER A 600 -30.08 0.97 28.95
C SER A 600 -30.23 -0.21 27.99
N CYS A 601 -31.20 -0.10 27.10
CA CYS A 601 -31.57 -1.20 26.22
C CYS A 601 -31.84 -0.68 24.82
N PRO A 602 -31.69 -1.52 23.81
CA PRO A 602 -32.20 -1.20 22.48
C PRO A 602 -33.71 -1.02 22.53
N MET A 603 -34.25 -0.46 21.45
CA MET A 603 -35.65 -0.06 21.44
C MET A 603 -36.60 -1.24 21.65
N HIS A 604 -36.19 -2.45 21.28
CA HIS A 604 -37.10 -3.58 21.41
C HIS A 604 -36.97 -4.32 22.75
N LEU A 605 -36.13 -3.87 23.67
CA LEU A 605 -36.10 -4.40 25.02
C LEU A 605 -36.40 -3.31 26.03
N VAL A 606 -36.68 -3.75 27.27
CA VAL A 606 -36.89 -2.87 28.41
C VAL A 606 -35.93 -3.29 29.52
N LEU A 607 -35.52 -2.33 30.34
CA LEU A 607 -34.59 -2.58 31.43
C LEU A 607 -35.29 -3.31 32.58
N LEU A 608 -34.64 -4.35 33.09
CA LEU A 608 -35.19 -5.12 34.20
C LEU A 608 -34.94 -4.40 35.53
N GLN A 609 -35.63 -4.88 36.57
CA GLN A 609 -35.47 -4.28 37.89
C GLN A 609 -34.10 -4.55 38.50
N ASP A 610 -33.32 -5.36 37.78
CA ASP A 610 -31.92 -5.68 38.15
C ASP A 610 -31.04 -4.50 37.84
N GLU A 611 -31.60 -3.44 37.32
CA GLU A 611 -30.92 -2.21 36.88
C GLU A 611 -29.71 -2.49 35.98
N LEU A 612 -29.60 -3.72 35.45
CA LEU A 612 -28.48 -4.09 34.60
C LEU A 612 -28.87 -4.85 33.32
N SER A 613 -30.01 -5.54 33.28
CA SER A 613 -30.33 -6.52 32.25
C SER A 613 -31.57 -6.10 31.46
N CYS A 614 -31.59 -6.47 30.19
CA CYS A 614 -32.66 -6.10 29.27
C CYS A 614 -33.55 -7.31 29.01
N GLY A 615 -34.86 -7.06 28.91
CA GLY A 615 -35.81 -8.13 28.65
C GLY A 615 -36.90 -7.67 27.72
N GLU A 616 -37.63 -8.65 27.19
CA GLU A 616 -38.68 -8.38 26.21
C GLU A 616 -39.88 -7.71 26.87
N PRO A 617 -40.67 -6.97 26.09
CA PRO A 617 -41.91 -6.36 26.61
C PRO A 617 -43.03 -7.38 26.79
N GLY B 1 -4.25 -4.77 -32.02
CA GLY B 1 -3.60 -5.30 -30.83
C GLY B 1 -2.52 -4.39 -30.28
N CYS B 2 -2.13 -4.62 -29.04
CA CYS B 2 -1.07 -3.82 -28.43
C CYS B 2 0.28 -4.12 -29.06
N ILE B 3 1.11 -3.08 -29.15
CA ILE B 3 2.53 -3.25 -29.43
C ILE B 3 3.28 -2.45 -28.37
N PRO B 4 4.33 -3.01 -27.77
CA PRO B 4 5.08 -2.25 -26.75
C PRO B 4 5.66 -0.98 -27.35
N VAL B 5 5.58 0.10 -26.57
CA VAL B 5 6.08 1.40 -26.99
C VAL B 5 6.97 1.93 -25.87
N ILE B 6 8.18 2.34 -26.23
CA ILE B 6 9.08 2.94 -25.25
C ILE B 6 8.69 4.42 -25.09
N THR B 7 8.29 4.79 -23.88
CA THR B 7 7.87 6.15 -23.56
C THR B 7 8.89 6.80 -22.63
N THR B 8 8.58 8.03 -22.22
CA THR B 8 9.44 8.74 -21.28
C THR B 8 9.46 8.07 -19.91
N ARG B 9 8.44 7.30 -19.59
CA ARG B 9 8.34 6.74 -18.26
C ARG B 9 8.38 5.25 -18.19
N GLY B 10 8.60 4.60 -19.30
CA GLY B 10 8.72 3.15 -19.33
C GLY B 10 8.07 2.57 -20.57
N VAL B 11 7.93 1.24 -20.56
CA VAL B 11 7.32 0.51 -21.67
C VAL B 11 5.82 0.41 -21.43
N ARG B 12 5.04 0.81 -22.43
CA ARG B 12 3.58 0.84 -22.34
C ARG B 12 2.96 0.22 -23.59
N CYS B 13 1.80 -0.39 -23.41
CA CYS B 13 1.03 -0.91 -24.54
C CYS B 13 0.34 0.25 -25.25
N LYS B 14 0.47 0.29 -26.58
CA LYS B 14 -0.12 1.35 -27.37
C LYS B 14 -0.28 0.92 -28.83
#